data_6Y0N
#
_entry.id   6Y0N
#
_cell.length_a   81.990
_cell.length_b   66.578
_cell.length_c   63.584
_cell.angle_alpha   90.000
_cell.angle_beta   110.150
_cell.angle_gamma   90.000
#
_symmetry.space_group_name_H-M   'C 1 2 1'
#
loop_
_entity.id
_entity.type
_entity.pdbx_description
1 polymer 'Alpha-ketoglutarate-dependent L-arginine hydroxylase'
2 non-polymer ARGININE
3 non-polymer '2-OXOGLUTARIC ACID'
4 non-polymer 'FE (III) ION'
5 water water
#
_entity_poly.entity_id   1
_entity_poly.type   'polypeptide(L)'
_entity_poly.pdbx_seq_one_letter_code
;MTESPTTHHGAAPPDSVATPVRPWSEFRLTPAEAAAAAALAARCAQRYDETDGPEFLLDAPVIAHELPRRLRTFMARARL
DAWPHALVVRGNPVDDAALGSTPVHWRTARTPGSRPLSFLLMLYAGLLGDVFGWATQQDGRVVTDVLPIKGGEHTLVSSS
SRQELGWHTEDAFSPYRADYVGLLSLRNPDGVATTLAGVPLDDLDERTLDVLFQERFLIRPDDSHLQVNNSTAQQGRVEF
EGIAQAADRPEPVAILTGHRAAPHLRVDGDFSAPAEGDEEAAAALGTLRKLIDASLYELVLDQGDVAFIDNRRAVHGRRA
FQPRYDGRDRWLKRINITRDLHRSRKAWAGDSRVLGQR
;
_entity_poly.pdbx_strand_id   A
#
loop_
_chem_comp.id
_chem_comp.type
_chem_comp.name
_chem_comp.formula
AKG non-polymer '2-OXOGLUTARIC ACID' 'C5 H6 O5'
FE non-polymer 'FE (III) ION' 'Fe 3'
#
# COMPACT_ATOMS: atom_id res chain seq x y z
CA VAL A 21 -17.91 -13.78 3.80
C VAL A 21 -17.05 -12.64 4.34
N ARG A 22 -16.07 -12.21 3.57
CA ARG A 22 -15.17 -11.13 3.94
C ARG A 22 -15.19 -10.07 2.85
N PRO A 23 -14.85 -8.82 3.19
CA PRO A 23 -14.78 -7.76 2.17
C PRO A 23 -13.56 -7.86 1.27
N TRP A 24 -12.67 -8.82 1.50
CA TRP A 24 -11.51 -9.04 0.67
C TRP A 24 -11.55 -10.46 0.11
N SER A 25 -10.72 -10.69 -0.91
CA SER A 25 -10.61 -12.00 -1.54
C SER A 25 -9.36 -12.68 -1.01
N GLU A 26 -9.51 -13.91 -0.52
CA GLU A 26 -8.44 -14.59 0.20
C GLU A 26 -8.04 -15.87 -0.49
N PHE A 27 -6.74 -16.12 -0.53
CA PHE A 27 -6.15 -17.32 -1.11
C PHE A 27 -5.13 -17.86 -0.12
N ARG A 28 -5.19 -19.16 0.15
CA ARG A 28 -4.26 -19.80 1.08
C ARG A 28 -3.42 -20.81 0.32
N LEU A 29 -2.11 -20.56 0.26
CA LEU A 29 -1.19 -21.48 -0.39
C LEU A 29 -1.11 -22.78 0.37
N THR A 30 -1.09 -23.89 -0.37
CA THR A 30 -0.72 -25.16 0.23
C THR A 30 0.78 -25.16 0.52
N PRO A 31 1.24 -26.00 1.45
CA PRO A 31 2.69 -26.12 1.68
C PRO A 31 3.48 -26.30 0.40
N ALA A 32 3.01 -27.16 -0.51
CA ALA A 32 3.73 -27.41 -1.75
C ALA A 32 3.76 -26.16 -2.63
N GLU A 33 2.63 -25.46 -2.76
CA GLU A 33 2.63 -24.21 -3.51
C GLU A 33 3.54 -23.17 -2.86
N ALA A 34 3.52 -23.10 -1.53
CA ALA A 34 4.34 -22.10 -0.85
C ALA A 34 5.83 -22.41 -1.01
N ALA A 35 6.21 -23.68 -0.88
CA ALA A 35 7.59 -24.08 -1.10
C ALA A 35 8.04 -23.73 -2.52
N ALA A 36 7.21 -24.01 -3.52
CA ALA A 36 7.58 -23.74 -4.90
C ALA A 36 7.76 -22.24 -5.12
N ALA A 37 6.85 -21.42 -4.58
CA ALA A 37 6.99 -19.98 -4.72
C ALA A 37 8.24 -19.48 -4.03
N ALA A 38 8.52 -19.98 -2.82
CA ALA A 38 9.72 -19.58 -2.11
C ALA A 38 10.97 -20.03 -2.86
N ALA A 39 10.97 -21.25 -3.40
CA ALA A 39 12.12 -21.71 -4.18
C ALA A 39 12.35 -20.81 -5.39
N LEU A 40 11.27 -20.40 -6.06
CA LEU A 40 11.39 -19.48 -7.19
C LEU A 40 12.06 -18.18 -6.75
N ALA A 41 11.57 -17.59 -5.66
CA ALA A 41 12.15 -16.34 -5.17
C ALA A 41 13.60 -16.52 -4.78
N ALA A 42 13.93 -17.67 -4.19
CA ALA A 42 15.33 -17.94 -3.85
C ALA A 42 16.20 -17.95 -5.10
N ARG A 43 15.74 -18.63 -6.16
CA ARG A 43 16.50 -18.63 -7.41
C ARG A 43 16.73 -17.22 -7.92
N CYS A 44 15.69 -16.38 -7.90
CA CYS A 44 15.85 -15.00 -8.36
C CYS A 44 16.86 -14.26 -7.52
N ALA A 45 16.82 -14.45 -6.19
CA ALA A 45 17.79 -13.82 -5.31
C ALA A 45 19.22 -14.29 -5.59
N GLN A 46 19.39 -15.47 -6.18
CA GLN A 46 20.72 -15.93 -6.56
C GLN A 46 21.19 -15.31 -7.88
N ARG A 47 20.28 -15.08 -8.81
CA ARG A 47 20.64 -14.65 -10.16
C ARG A 47 20.68 -13.14 -10.32
N TYR A 48 20.01 -12.39 -9.44
CA TYR A 48 19.87 -10.95 -9.58
C TYR A 48 20.49 -10.24 -8.38
N ASP A 49 21.18 -9.13 -8.64
CA ASP A 49 21.89 -8.43 -7.57
C ASP A 49 20.93 -7.72 -6.63
N GLU A 50 19.87 -7.11 -7.15
CA GLU A 50 18.92 -6.41 -6.29
C GLU A 50 17.52 -6.49 -6.91
N THR A 51 16.51 -6.32 -6.04
CA THR A 51 15.13 -6.36 -6.50
C THR A 51 14.76 -5.15 -7.33
N ASP A 52 15.31 -4.00 -7.01
CA ASP A 52 14.99 -2.76 -7.71
C ASP A 52 15.88 -2.51 -8.91
N GLY A 53 16.76 -3.44 -9.23
CA GLY A 53 17.62 -3.29 -10.39
C GLY A 53 16.81 -3.33 -11.66
N PRO A 54 17.28 -2.66 -12.71
CA PRO A 54 16.52 -2.66 -13.97
C PRO A 54 16.32 -4.05 -14.55
N GLU A 55 17.27 -4.96 -14.34
CA GLU A 55 17.18 -6.29 -14.93
C GLU A 55 16.03 -7.08 -14.32
N PHE A 56 15.95 -7.11 -12.98
CA PHE A 56 14.87 -7.87 -12.36
C PHE A 56 13.53 -7.18 -12.50
N LEU A 57 13.53 -5.84 -12.53
CA LEU A 57 12.29 -5.11 -12.76
C LEU A 57 11.64 -5.54 -14.08
N LEU A 58 12.44 -5.70 -15.13
CA LEU A 58 11.89 -6.10 -16.42
C LEU A 58 11.61 -7.59 -16.50
N ASP A 59 12.38 -8.42 -15.80
CA ASP A 59 12.21 -9.87 -15.89
C ASP A 59 11.14 -10.39 -14.94
N ALA A 60 10.94 -9.73 -13.80
CA ALA A 60 10.08 -10.30 -12.77
C ALA A 60 8.69 -10.65 -13.28
N PRO A 61 8.02 -9.81 -14.08
CA PRO A 61 6.68 -10.20 -14.56
C PRO A 61 6.67 -11.48 -15.37
N VAL A 62 7.74 -11.78 -16.10
CA VAL A 62 7.80 -13.02 -16.86
C VAL A 62 8.13 -14.20 -15.96
N ILE A 63 9.10 -14.03 -15.06
CA ILE A 63 9.42 -15.10 -14.11
C ILE A 63 8.19 -15.48 -13.31
N ALA A 64 7.33 -14.52 -13.00
CA ALA A 64 6.14 -14.79 -12.19
C ALA A 64 5.23 -15.82 -12.86
N HIS A 65 5.31 -15.93 -14.19
CA HIS A 65 4.54 -16.95 -14.90
C HIS A 65 4.88 -18.37 -14.43
N GLU A 66 5.99 -18.54 -13.73
CA GLU A 66 6.38 -19.84 -13.21
C GLU A 66 5.85 -20.09 -11.80
N LEU A 67 5.14 -19.14 -11.21
CA LEU A 67 4.51 -19.38 -9.92
C LEU A 67 3.45 -20.46 -10.07
N PRO A 68 3.03 -21.07 -8.95
CA PRO A 68 2.02 -22.13 -9.03
C PRO A 68 0.78 -21.66 -9.79
N ARG A 69 0.21 -22.56 -10.59
CA ARG A 69 -0.89 -22.15 -11.47
C ARG A 69 -2.11 -21.71 -10.68
N ARG A 70 -2.39 -22.38 -9.56
CA ARG A 70 -3.57 -22.02 -8.78
C ARG A 70 -3.47 -20.60 -8.26
N LEU A 71 -2.26 -20.16 -7.89
CA LEU A 71 -2.06 -18.78 -7.45
C LEU A 71 -2.26 -17.81 -8.60
N ARG A 72 -1.71 -18.12 -9.77
CA ARG A 72 -1.85 -17.25 -10.92
C ARG A 72 -3.31 -17.13 -11.33
N THR A 73 -4.04 -18.24 -11.30
CA THR A 73 -5.47 -18.19 -11.59
C THR A 73 -6.19 -17.28 -10.61
N PHE A 74 -5.86 -17.39 -9.31
CA PHE A 74 -6.48 -16.52 -8.32
C PHE A 74 -6.23 -15.05 -8.64
N MET A 75 -4.97 -14.69 -8.86
CA MET A 75 -4.61 -13.29 -9.09
C MET A 75 -5.29 -12.77 -10.36
N ALA A 76 -5.39 -13.61 -11.39
CA ALA A 76 -5.96 -13.16 -12.66
C ALA A 76 -7.47 -12.93 -12.53
N ARG A 77 -8.16 -13.84 -11.85
CA ARG A 77 -9.61 -13.72 -11.70
C ARG A 77 -9.98 -12.71 -10.62
N ALA A 78 -9.23 -12.69 -9.51
CA ALA A 78 -9.60 -11.84 -8.38
C ALA A 78 -9.42 -10.36 -8.72
N ARG A 79 -8.37 -10.02 -9.48
CA ARG A 79 -8.18 -8.64 -9.90
C ARG A 79 -9.37 -8.12 -10.70
N LEU A 80 -10.09 -9.03 -11.36
CA LEU A 80 -11.20 -8.63 -12.22
C LEU A 80 -12.53 -8.58 -11.49
N ASP A 81 -12.64 -9.19 -10.31
CA ASP A 81 -13.85 -9.07 -9.53
C ASP A 81 -14.11 -7.60 -9.21
N ALA A 82 -15.38 -7.26 -9.03
CA ALA A 82 -15.77 -5.87 -8.82
C ALA A 82 -15.84 -5.47 -7.35
N TRP A 83 -15.82 -6.43 -6.42
CA TRP A 83 -16.14 -6.14 -5.02
C TRP A 83 -14.95 -6.04 -4.07
N PRO A 84 -13.91 -6.87 -4.20
CA PRO A 84 -12.95 -6.99 -3.10
C PRO A 84 -12.12 -5.72 -2.87
N HIS A 85 -11.94 -5.39 -1.59
CA HIS A 85 -11.09 -4.27 -1.21
C HIS A 85 -9.62 -4.64 -1.27
N ALA A 86 -9.30 -5.94 -1.14
CA ALA A 86 -7.93 -6.39 -1.13
C ALA A 86 -7.87 -7.83 -1.63
N LEU A 87 -6.72 -8.18 -2.18
CA LEU A 87 -6.37 -9.57 -2.48
C LEU A 87 -5.36 -10.01 -1.43
N VAL A 88 -5.69 -11.07 -0.69
CA VAL A 88 -4.88 -11.53 0.43
C VAL A 88 -4.39 -12.94 0.11
N VAL A 89 -3.08 -13.14 0.22
CA VAL A 89 -2.46 -14.45 0.04
C VAL A 89 -1.81 -14.85 1.35
N ARG A 90 -2.24 -15.98 1.89
CA ARG A 90 -1.76 -16.47 3.17
C ARG A 90 -0.83 -17.65 2.97
N GLY A 91 0.06 -17.85 3.94
CA GLY A 91 0.77 -19.10 4.06
C GLY A 91 2.17 -19.16 3.48
N ASN A 92 2.81 -18.01 3.25
CA ASN A 92 4.20 -18.04 2.84
C ASN A 92 5.08 -18.32 4.05
N PRO A 93 5.95 -19.34 4.01
CA PRO A 93 6.77 -19.65 5.19
C PRO A 93 7.83 -18.59 5.42
N VAL A 94 7.98 -18.21 6.68
CA VAL A 94 9.01 -17.29 7.12
C VAL A 94 9.67 -17.88 8.35
N ASP A 95 10.98 -18.02 8.31
CA ASP A 95 11.76 -18.54 9.43
C ASP A 95 12.37 -17.35 10.16
N ASP A 96 11.89 -17.09 11.39
CA ASP A 96 12.36 -15.93 12.14
C ASP A 96 13.87 -16.00 12.35
N ALA A 97 14.40 -17.19 12.63
CA ALA A 97 15.83 -17.35 12.82
C ALA A 97 16.60 -16.97 11.56
N ALA A 98 16.13 -17.42 10.39
CA ALA A 98 16.80 -17.07 9.15
C ALA A 98 16.57 -15.61 8.80
N LEU A 99 15.46 -15.05 9.26
CA LEU A 99 15.12 -13.68 8.90
C LEU A 99 16.02 -12.68 9.62
N GLY A 100 16.37 -12.96 10.87
CA GLY A 100 17.18 -12.04 11.64
C GLY A 100 16.34 -10.99 12.34
N SER A 101 17.02 -10.13 13.07
CA SER A 101 16.33 -9.11 13.85
C SER A 101 15.68 -8.08 12.93
N THR A 102 14.60 -7.48 13.41
CA THR A 102 13.98 -6.40 12.68
C THR A 102 14.94 -5.21 12.65
N PRO A 103 15.17 -4.61 11.47
CA PRO A 103 16.07 -3.45 11.40
C PRO A 103 15.57 -2.29 12.23
N VAL A 104 16.50 -1.40 12.57
CA VAL A 104 16.17 -0.18 13.32
C VAL A 104 15.74 0.96 12.41
N HIS A 105 15.92 0.82 11.10
CA HIS A 105 15.63 1.88 10.14
C HIS A 105 15.50 1.24 8.77
N TRP A 106 14.77 1.90 7.87
CA TRP A 106 14.60 1.32 6.54
C TRP A 106 15.89 1.38 5.73
N ARG A 107 16.78 2.34 6.03
CA ARG A 107 18.02 2.45 5.28
C ARG A 107 18.79 1.13 5.28
N THR A 108 18.86 0.47 6.43
CA THR A 108 19.60 -0.75 6.61
C THR A 108 18.71 -1.98 6.67
N ALA A 109 17.52 -1.92 6.07
CA ALA A 109 16.53 -2.98 6.21
C ALA A 109 16.59 -4.00 5.08
N ARG A 110 17.53 -3.87 4.14
CA ARG A 110 17.71 -4.88 3.11
C ARG A 110 18.73 -5.90 3.59
N THR A 111 18.30 -6.65 4.60
CA THR A 111 19.10 -7.69 5.22
C THR A 111 19.08 -8.96 4.35
N PRO A 112 20.14 -9.76 4.40
CA PRO A 112 20.13 -11.01 3.62
C PRO A 112 18.97 -11.93 3.98
N GLY A 113 18.56 -11.96 5.24
CA GLY A 113 17.45 -12.82 5.63
C GLY A 113 16.12 -12.42 5.01
N SER A 114 15.93 -11.12 4.76
CA SER A 114 14.72 -10.63 4.13
C SER A 114 14.80 -10.60 2.61
N ARG A 115 15.99 -10.81 2.05
CA ARG A 115 16.19 -10.68 0.61
C ARG A 115 15.28 -11.58 -0.19
N PRO A 116 15.19 -12.88 0.06
CA PRO A 116 14.30 -13.72 -0.79
C PRO A 116 12.85 -13.32 -0.68
N LEU A 117 12.40 -12.89 0.50
CA LEU A 117 11.01 -12.48 0.66
C LEU A 117 10.72 -11.19 -0.11
N SER A 118 11.73 -10.33 -0.28
CA SER A 118 11.55 -9.15 -1.13
C SER A 118 11.39 -9.55 -2.59
N PHE A 119 12.20 -10.50 -3.06
CA PHE A 119 12.01 -11.00 -4.42
C PHE A 119 10.65 -11.66 -4.58
N LEU A 120 10.18 -12.36 -3.54
CA LEU A 120 8.87 -12.99 -3.62
C LEU A 120 7.77 -11.95 -3.80
N LEU A 121 7.81 -10.89 -3.00
CA LEU A 121 6.82 -9.83 -3.15
C LEU A 121 6.84 -9.25 -4.56
N MET A 122 8.03 -9.04 -5.11
N MET A 122 8.04 -9.06 -5.12
CA MET A 122 8.13 -8.53 -6.48
CA MET A 122 8.13 -8.53 -6.48
C MET A 122 7.47 -9.47 -7.48
C MET A 122 7.49 -9.46 -7.49
N LEU A 123 7.64 -10.78 -7.29
CA LEU A 123 7.05 -11.73 -8.22
C LEU A 123 5.53 -11.70 -8.15
N TYR A 124 4.98 -11.79 -6.93
CA TYR A 124 3.55 -11.64 -6.77
C TYR A 124 3.04 -10.35 -7.39
N ALA A 125 3.74 -9.25 -7.15
CA ALA A 125 3.29 -7.96 -7.67
C ALA A 125 3.29 -7.95 -9.19
N GLY A 126 4.24 -8.65 -9.81
CA GLY A 126 4.32 -8.68 -11.26
C GLY A 126 3.11 -9.30 -11.93
N LEU A 127 2.29 -10.03 -11.17
CA LEU A 127 1.03 -10.56 -11.70
C LEU A 127 -0.06 -9.51 -11.75
N LEU A 128 0.09 -8.40 -11.02
CA LEU A 128 -0.96 -7.41 -10.90
C LEU A 128 -0.70 -6.15 -11.70
N GLY A 129 0.54 -5.78 -11.94
CA GLY A 129 0.81 -4.59 -12.73
C GLY A 129 2.28 -4.22 -12.71
N ASP A 130 2.51 -2.93 -12.92
CA ASP A 130 3.84 -2.35 -13.04
C ASP A 130 4.23 -1.72 -11.70
N VAL A 131 5.37 -2.11 -11.17
CA VAL A 131 5.81 -1.60 -9.88
C VAL A 131 6.60 -0.31 -10.09
N PHE A 132 6.52 0.57 -9.10
CA PHE A 132 7.25 1.83 -9.14
C PHE A 132 7.50 2.29 -7.71
N GLY A 133 8.42 3.23 -7.57
CA GLY A 133 8.65 3.92 -6.32
C GLY A 133 8.56 5.42 -6.51
N TRP A 134 8.79 6.14 -5.42
CA TRP A 134 8.78 7.59 -5.40
C TRP A 134 10.16 8.11 -5.04
N ALA A 135 10.65 9.07 -5.83
CA ALA A 135 11.97 9.62 -5.57
C ALA A 135 12.08 10.24 -4.18
N THR A 136 10.96 10.64 -3.58
CA THR A 136 10.95 11.29 -2.29
C THR A 136 10.55 10.35 -1.15
N GLN A 137 10.63 9.04 -1.36
CA GLN A 137 10.22 8.08 -0.35
C GLN A 137 11.25 6.96 -0.28
N GLN A 138 11.89 6.82 0.86
CA GLN A 138 12.92 5.80 1.09
C GLN A 138 13.87 5.69 -0.10
N ASP A 139 14.42 6.85 -0.47
CA ASP A 139 15.47 6.93 -1.50
C ASP A 139 15.02 6.37 -2.83
N GLY A 140 13.73 6.50 -3.16
CA GLY A 140 13.27 6.01 -4.44
C GLY A 140 13.32 4.51 -4.60
N ARG A 141 13.42 3.78 -3.49
CA ARG A 141 13.34 2.32 -3.54
C ARG A 141 11.96 1.89 -4.01
N VAL A 142 11.92 0.77 -4.72
CA VAL A 142 10.66 0.18 -5.15
C VAL A 142 10.07 -0.69 -4.05
N VAL A 143 10.84 -1.64 -3.53
CA VAL A 143 10.46 -2.38 -2.33
C VAL A 143 10.88 -1.55 -1.13
N THR A 144 9.91 -1.13 -0.34
CA THR A 144 10.15 -0.29 0.81
C THR A 144 9.86 -1.08 2.09
N ASP A 145 10.12 -0.44 3.22
CA ASP A 145 10.06 -1.11 4.51
C ASP A 145 9.12 -0.35 5.43
N VAL A 146 8.24 -1.09 6.08
CA VAL A 146 7.34 -0.56 7.10
C VAL A 146 7.77 -1.18 8.43
N LEU A 147 8.30 -0.35 9.31
CA LEU A 147 8.75 -0.82 10.61
C LEU A 147 8.76 0.37 11.56
N PRO A 148 8.62 0.13 12.87
CA PRO A 148 8.64 1.24 13.83
C PRO A 148 10.06 1.77 14.00
N ILE A 149 10.21 3.09 13.89
CA ILE A 149 11.48 3.77 14.04
C ILE A 149 11.45 4.52 15.36
N LYS A 150 12.44 4.26 16.21
CA LYS A 150 12.47 4.87 17.54
C LYS A 150 12.45 6.39 17.41
N GLY A 151 11.60 7.02 18.22
CA GLY A 151 11.41 8.45 18.16
C GLY A 151 10.31 8.91 17.21
N GLY A 152 9.86 8.05 16.29
CA GLY A 152 8.82 8.42 15.36
C GLY A 152 7.52 7.72 15.67
N GLU A 153 7.24 7.51 16.96
CA GLU A 153 6.08 6.74 17.36
C GLU A 153 4.79 7.51 17.13
N HIS A 154 4.81 8.81 17.38
CA HIS A 154 3.63 9.67 17.24
C HIS A 154 3.68 10.51 15.97
N THR A 155 4.16 9.93 14.87
CA THR A 155 4.17 10.59 13.58
C THR A 155 2.99 10.10 12.75
N LEU A 156 2.88 10.65 11.54
CA LEU A 156 1.80 10.30 10.62
C LEU A 156 2.30 9.44 9.47
N VAL A 157 3.43 8.77 9.64
CA VAL A 157 4.02 7.93 8.60
C VAL A 157 3.95 6.47 9.06
N SER A 158 4.23 5.57 8.11
CA SER A 158 4.09 4.14 8.34
C SER A 158 5.07 3.60 9.37
N SER A 159 6.07 4.38 9.76
CA SER A 159 6.99 4.00 10.81
C SER A 159 6.51 4.45 12.19
N SER A 160 5.30 4.99 12.26
CA SER A 160 4.67 5.27 13.54
C SER A 160 4.28 3.97 14.22
N SER A 161 3.78 4.09 15.46
CA SER A 161 3.39 2.92 16.22
C SER A 161 2.36 3.28 17.29
N ARG A 162 2.81 3.96 18.36
CA ARG A 162 1.90 4.30 19.45
C ARG A 162 0.72 5.14 18.99
N GLN A 163 0.85 5.87 17.89
CA GLN A 163 -0.24 6.66 17.34
C GLN A 163 -0.85 5.89 16.17
N GLU A 164 -2.17 5.73 16.19
CA GLU A 164 -2.83 5.03 15.10
C GLU A 164 -2.55 5.74 13.79
N LEU A 165 -2.27 4.95 12.75
CA LEU A 165 -2.09 5.49 11.40
C LEU A 165 -3.48 5.65 10.80
N GLY A 166 -3.95 6.90 10.72
CA GLY A 166 -5.25 7.21 10.18
C GLY A 166 -5.44 6.66 8.78
N TRP A 167 -6.69 6.40 8.41
CA TRP A 167 -6.99 5.81 7.11
C TRP A 167 -6.74 6.81 5.98
N HIS A 168 -6.33 6.28 4.83
CA HIS A 168 -5.92 7.12 3.71
C HIS A 168 -5.90 6.29 2.44
N THR A 169 -6.24 6.96 1.33
CA THR A 169 -5.76 6.53 0.02
C THR A 169 -4.26 6.74 -0.03
N GLU A 170 -3.52 5.72 -0.47
CA GLU A 170 -2.07 5.88 -0.58
C GLU A 170 -1.74 7.00 -1.57
N ASP A 171 -0.93 7.97 -1.12
CA ASP A 171 -0.43 9.03 -2.00
C ASP A 171 -1.58 9.80 -2.64
N ALA A 172 -2.63 10.05 -1.85
CA ALA A 172 -3.85 10.67 -2.37
C ALA A 172 -3.57 11.97 -3.10
N PHE A 173 -2.52 12.70 -2.71
CA PHE A 173 -2.22 13.97 -3.36
C PHE A 173 -1.95 13.78 -4.85
N SER A 174 -1.47 12.61 -5.26
CA SER A 174 -0.90 12.51 -6.60
C SER A 174 -1.86 11.81 -7.56
N PRO A 175 -1.99 12.29 -8.80
CA PRO A 175 -2.75 11.53 -9.81
C PRO A 175 -2.04 10.27 -10.28
N TYR A 176 -0.78 10.08 -9.91
CA TYR A 176 -0.03 8.90 -10.30
C TYR A 176 0.09 7.89 -9.16
N ARG A 177 -0.79 7.99 -8.17
CA ARG A 177 -0.78 7.06 -7.04
C ARG A 177 -1.05 5.63 -7.51
N ALA A 178 -0.60 4.68 -6.71
CA ALA A 178 -0.74 3.26 -7.02
C ALA A 178 -2.20 2.87 -7.19
N ASP A 179 -2.42 1.90 -8.08
CA ASP A 179 -3.70 1.20 -8.12
C ASP A 179 -3.77 0.14 -7.03
N TYR A 180 -2.64 -0.47 -6.69
CA TYR A 180 -2.58 -1.48 -5.65
C TYR A 180 -1.37 -1.21 -4.77
N VAL A 181 -1.54 -1.45 -3.47
CA VAL A 181 -0.46 -1.36 -2.51
C VAL A 181 -0.23 -2.75 -1.97
N GLY A 182 0.98 -3.27 -2.17
CA GLY A 182 1.35 -4.60 -1.73
C GLY A 182 2.02 -4.52 -0.37
N LEU A 183 1.60 -5.43 0.51
CA LEU A 183 2.16 -5.52 1.86
C LEU A 183 2.47 -6.97 2.16
N LEU A 184 3.74 -7.26 2.46
N LEU A 184 3.74 -7.26 2.47
CA LEU A 184 4.18 -8.58 2.88
CA LEU A 184 4.18 -8.58 2.88
C LEU A 184 4.59 -8.48 4.35
C LEU A 184 4.62 -8.51 4.34
N SER A 185 3.94 -9.26 5.20
CA SER A 185 4.24 -9.26 6.63
C SER A 185 5.40 -10.20 6.89
N LEU A 186 6.56 -9.63 7.25
CA LEU A 186 7.72 -10.43 7.62
C LEU A 186 7.62 -10.95 9.05
N ARG A 187 7.09 -10.12 9.95
CA ARG A 187 6.73 -10.58 11.28
C ARG A 187 5.72 -9.61 11.86
N ASN A 188 4.82 -10.14 12.67
CA ASN A 188 3.77 -9.36 13.29
C ASN A 188 3.40 -10.09 14.57
N PRO A 189 4.33 -10.21 15.51
CA PRO A 189 4.13 -11.14 16.63
C PRO A 189 2.96 -10.78 17.53
N ASP A 190 2.60 -9.51 17.61
CA ASP A 190 1.48 -9.07 18.44
C ASP A 190 0.17 -8.93 17.66
N GLY A 191 0.16 -9.29 16.39
CA GLY A 191 -1.07 -9.28 15.62
C GLY A 191 -1.66 -7.91 15.39
N VAL A 192 -0.82 -6.92 15.13
CA VAL A 192 -1.31 -5.57 14.85
C VAL A 192 -2.11 -5.60 13.55
N ALA A 193 -3.26 -4.94 13.57
CA ALA A 193 -4.21 -5.00 12.47
C ALA A 193 -4.00 -3.85 11.52
N THR A 194 -3.95 -4.16 10.23
CA THR A 194 -4.16 -3.17 9.19
C THR A 194 -5.65 -2.86 9.13
N THR A 195 -5.99 -1.59 8.96
CA THR A 195 -7.39 -1.18 8.91
C THR A 195 -7.78 -0.89 7.47
N LEU A 196 -9.06 -1.14 7.17
CA LEU A 196 -9.58 -1.00 5.83
C LEU A 196 -11.00 -0.49 5.89
N ALA A 197 -11.39 0.25 4.86
CA ALA A 197 -12.78 0.65 4.70
C ALA A 197 -13.02 0.96 3.24
N GLY A 198 -14.22 0.62 2.77
CA GLY A 198 -14.66 0.97 1.43
C GLY A 198 -15.53 2.21 1.46
N VAL A 199 -16.05 2.56 0.28
CA VAL A 199 -16.97 3.69 0.22
C VAL A 199 -18.25 3.32 0.97
N PRO A 200 -18.70 4.14 1.94
CA PRO A 200 -19.94 3.79 2.66
C PRO A 200 -21.19 4.15 1.86
N LEU A 201 -21.37 3.45 0.74
CA LEU A 201 -22.46 3.76 -0.18
C LEU A 201 -23.83 3.55 0.46
N ASP A 202 -23.92 2.64 1.42
CA ASP A 202 -25.20 2.34 2.03
C ASP A 202 -25.72 3.50 2.89
N ASP A 203 -24.87 4.48 3.20
CA ASP A 203 -25.23 5.56 4.11
C ASP A 203 -25.12 6.95 3.52
N LEU A 204 -24.62 7.09 2.30
CA LEU A 204 -24.50 8.40 1.67
C LEU A 204 -25.77 8.72 0.91
N ASP A 205 -26.42 9.83 1.27
CA ASP A 205 -27.54 10.28 0.49
C ASP A 205 -27.04 10.81 -0.86
N GLU A 206 -27.95 10.90 -1.81
N GLU A 206 -27.95 10.91 -1.81
CA GLU A 206 -27.56 11.23 -3.18
CA GLU A 206 -27.56 11.23 -3.18
C GLU A 206 -26.95 12.63 -3.25
C GLU A 206 -26.95 12.63 -3.26
N ARG A 207 -27.49 13.57 -2.49
CA ARG A 207 -26.95 14.93 -2.51
C ARG A 207 -25.51 14.93 -2.02
N THR A 208 -25.26 14.35 -0.84
CA THR A 208 -23.91 14.23 -0.34
C THR A 208 -23.02 13.52 -1.35
N LEU A 209 -23.53 12.45 -1.95
CA LEU A 209 -22.78 11.72 -2.96
C LEU A 209 -22.41 12.62 -4.14
N ASP A 210 -23.36 13.43 -4.61
CA ASP A 210 -23.09 14.32 -5.74
CA ASP A 210 -23.08 14.31 -5.75
C ASP A 210 -21.99 15.31 -5.42
N VAL A 211 -22.00 15.85 -4.20
CA VAL A 211 -20.99 16.84 -3.82
C VAL A 211 -19.61 16.20 -3.77
N LEU A 212 -19.52 14.95 -3.29
CA LEU A 212 -18.24 14.27 -3.22
C LEU A 212 -17.67 13.97 -4.60
N PHE A 213 -18.52 13.86 -5.63
CA PHE A 213 -18.07 13.68 -7.00
C PHE A 213 -17.55 14.95 -7.64
N GLN A 214 -17.69 16.10 -6.99
CA GLN A 214 -17.30 17.37 -7.57
C GLN A 214 -15.92 17.79 -7.08
N GLU A 215 -15.26 18.64 -7.87
CA GLU A 215 -13.90 19.08 -7.58
C GLU A 215 -13.97 20.24 -6.59
N ARG A 216 -14.14 19.88 -5.32
CA ARG A 216 -14.34 20.86 -4.26
C ARG A 216 -13.55 20.49 -3.01
N PHE A 217 -12.49 19.70 -3.16
CA PHE A 217 -11.70 19.22 -2.04
C PHE A 217 -10.23 19.39 -2.33
N LEU A 218 -9.44 19.46 -1.26
CA LEU A 218 -7.99 19.63 -1.37
C LEU A 218 -7.31 18.46 -0.68
N ILE A 219 -6.18 18.02 -1.24
CA ILE A 219 -5.44 16.87 -0.74
C ILE A 219 -3.97 17.26 -0.73
N ARG A 220 -3.40 17.31 0.46
CA ARG A 220 -1.98 17.61 0.57
C ARG A 220 -1.17 16.34 0.67
N PRO A 221 0.10 16.36 0.28
CA PRO A 221 0.92 15.16 0.40
C PRO A 221 1.26 14.83 1.85
N ASP A 222 1.21 13.55 2.17
CA ASP A 222 1.53 13.10 3.52
C ASP A 222 3.01 13.31 3.81
N ASP A 223 3.37 13.14 5.10
CA ASP A 223 4.69 13.52 5.57
C ASP A 223 5.80 12.61 5.04
N SER A 224 5.47 11.39 4.58
CA SER A 224 6.50 10.48 4.11
C SER A 224 7.22 11.01 2.88
N HIS A 225 6.65 12.00 2.20
CA HIS A 225 7.28 12.62 1.04
C HIS A 225 8.09 13.86 1.41
N LEU A 226 8.26 14.14 2.70
CA LEU A 226 9.04 15.28 3.14
C LEU A 226 10.53 14.93 3.16
N GLN A 227 11.36 15.97 3.13
CA GLN A 227 12.81 15.75 3.10
C GLN A 227 13.32 15.14 4.40
N VAL A 228 12.65 15.42 5.52
CA VAL A 228 13.11 14.91 6.81
C VAL A 228 12.94 13.40 6.91
N ASN A 229 12.14 12.79 6.04
CA ASN A 229 11.94 11.35 6.04
C ASN A 229 12.73 10.65 4.94
N ASN A 230 13.81 11.27 4.46
CA ASN A 230 14.67 10.67 3.45
C ASN A 230 16.12 10.94 3.82
N SER A 231 17.02 10.14 3.26
CA SER A 231 18.44 10.30 3.50
C SER A 231 18.92 11.60 2.84
N THR A 232 20.20 11.89 3.02
CA THR A 232 20.80 13.12 2.49
C THR A 232 20.62 13.21 0.98
N GLY A 242 8.20 19.76 -6.49
CA GLY A 242 7.01 19.02 -6.83
C GLY A 242 6.15 18.72 -5.62
N ILE A 243 6.74 18.08 -4.61
CA ILE A 243 6.05 17.87 -3.35
C ILE A 243 5.80 19.20 -2.66
N ALA A 244 6.65 20.20 -2.90
CA ALA A 244 6.46 21.51 -2.29
C ALA A 244 5.21 22.19 -2.83
N GLN A 245 5.05 22.19 -4.15
CA GLN A 245 3.88 22.82 -4.78
C GLN A 245 2.60 22.04 -4.56
N ALA A 246 2.67 20.82 -4.01
CA ALA A 246 1.48 20.03 -3.76
C ALA A 246 0.79 20.45 -2.46
N ALA A 247 1.56 20.62 -1.39
CA ALA A 247 1.02 21.01 -0.10
C ALA A 247 0.84 22.52 0.04
N ASP A 248 1.41 23.32 -0.87
CA ASP A 248 1.30 24.77 -0.82
C ASP A 248 0.18 25.30 -1.70
N ARG A 249 0.13 24.85 -2.96
CA ARG A 249 -0.90 25.26 -3.91
C ARG A 249 -1.60 24.03 -4.46
N PRO A 250 -2.34 23.31 -3.61
CA PRO A 250 -3.10 22.16 -4.10
C PRO A 250 -4.26 22.59 -4.97
N GLU A 251 -4.49 21.83 -6.05
CA GLU A 251 -5.62 22.13 -6.93
C GLU A 251 -6.86 21.37 -6.47
N PRO A 252 -8.06 21.95 -6.62
CA PRO A 252 -9.27 21.24 -6.18
C PRO A 252 -9.43 19.92 -6.93
N VAL A 253 -9.91 18.90 -6.20
CA VAL A 253 -10.10 17.57 -6.75
C VAL A 253 -11.36 16.97 -6.16
N ALA A 254 -11.88 15.96 -6.85
CA ALA A 254 -13.03 15.20 -6.36
C ALA A 254 -12.56 14.06 -5.47
N ILE A 255 -13.41 13.70 -4.50
CA ILE A 255 -13.13 12.57 -3.63
C ILE A 255 -13.57 11.27 -4.28
N LEU A 256 -14.72 11.29 -4.94
CA LEU A 256 -15.25 10.12 -5.64
C LEU A 256 -15.22 10.34 -7.14
N THR A 257 -14.86 9.28 -7.88
CA THR A 257 -14.89 9.29 -9.33
C THR A 257 -15.50 7.97 -9.80
N GLY A 258 -15.76 7.90 -11.11
CA GLY A 258 -16.25 6.67 -11.70
C GLY A 258 -17.75 6.47 -11.61
N HIS A 259 -18.16 5.25 -11.30
CA HIS A 259 -19.56 4.86 -11.33
C HIS A 259 -20.23 5.20 -9.99
N ARG A 260 -21.36 5.90 -10.06
CA ARG A 260 -22.10 6.28 -8.86
C ARG A 260 -22.33 5.07 -7.95
N ALA A 261 -22.58 3.90 -8.55
CA ALA A 261 -22.92 2.71 -7.79
C ALA A 261 -21.70 1.95 -7.27
N ALA A 262 -20.52 2.29 -7.73
CA ALA A 262 -19.30 1.64 -7.27
C ALA A 262 -18.15 2.62 -7.45
N PRO A 263 -18.15 3.74 -6.71
CA PRO A 263 -17.17 4.79 -6.97
C PRO A 263 -15.76 4.40 -6.57
N HIS A 264 -14.80 5.01 -7.25
CA HIS A 264 -13.42 5.00 -6.78
C HIS A 264 -13.20 6.17 -5.83
N LEU A 265 -12.30 5.96 -4.87
CA LEU A 265 -12.17 6.78 -3.69
C LEU A 265 -10.80 7.42 -3.66
N ARG A 266 -10.74 8.69 -3.27
CA ARG A 266 -9.49 9.42 -3.15
C ARG A 266 -9.62 10.38 -1.97
N VAL A 267 -9.10 9.97 -0.81
CA VAL A 267 -9.23 10.76 0.39
C VAL A 267 -8.11 10.38 1.35
N ASP A 268 -7.81 11.27 2.27
CA ASP A 268 -6.84 11.02 3.33
C ASP A 268 -7.43 11.62 4.59
N GLY A 269 -7.74 10.78 5.58
CA GLY A 269 -8.43 11.24 6.77
C GLY A 269 -7.77 12.45 7.39
N ASP A 270 -6.44 12.53 7.32
CA ASP A 270 -5.69 13.60 7.95
C ASP A 270 -5.44 14.79 7.03
N PHE A 271 -5.11 14.54 5.76
CA PHE A 271 -4.61 15.58 4.88
C PHE A 271 -5.66 16.09 3.89
N SER A 272 -6.92 15.73 4.07
CA SER A 272 -7.99 16.20 3.19
C SER A 272 -8.69 17.40 3.83
N ALA A 273 -9.24 18.27 2.96
CA ALA A 273 -9.92 19.46 3.43
C ALA A 273 -10.87 19.94 2.34
N PRO A 274 -11.96 20.62 2.71
CA PRO A 274 -12.82 21.21 1.68
C PRO A 274 -12.18 22.43 1.05
N ALA A 275 -12.58 22.73 -0.18
CA ALA A 275 -12.21 23.98 -0.80
C ALA A 275 -12.48 25.14 0.15
N GLU A 276 -11.64 26.18 0.06
CA GLU A 276 -11.74 27.31 0.97
C GLU A 276 -13.16 27.88 0.99
N GLY A 277 -13.75 27.95 2.18
CA GLY A 277 -15.06 28.53 2.35
C GLY A 277 -16.22 27.70 1.83
N ASP A 278 -15.96 26.51 1.29
CA ASP A 278 -17.02 25.68 0.70
C ASP A 278 -17.64 24.85 1.81
N GLU A 279 -18.67 25.42 2.46
CA GLU A 279 -19.29 24.74 3.59
C GLU A 279 -20.10 23.52 3.18
N GLU A 280 -20.55 23.45 1.92
CA GLU A 280 -21.29 22.28 1.46
C GLU A 280 -20.35 21.09 1.24
N ALA A 281 -19.15 21.37 0.71
CA ALA A 281 -18.15 20.31 0.60
C ALA A 281 -17.65 19.89 1.98
N ALA A 282 -17.48 20.86 2.88
CA ALA A 282 -17.06 20.56 4.25
C ALA A 282 -18.03 19.59 4.90
N ALA A 283 -19.33 19.83 4.77
CA ALA A 283 -20.31 18.94 5.36
C ALA A 283 -20.27 17.55 4.73
N ALA A 284 -19.97 17.48 3.43
CA ALA A 284 -19.88 16.18 2.77
C ALA A 284 -18.64 15.41 3.26
N LEU A 285 -17.50 16.08 3.36
CA LEU A 285 -16.29 15.42 3.86
C LEU A 285 -16.46 15.03 5.33
N GLY A 286 -17.06 15.92 6.14
CA GLY A 286 -17.31 15.59 7.53
C GLY A 286 -18.17 14.36 7.68
N THR A 287 -19.24 14.27 6.89
CA THR A 287 -20.08 13.08 6.89
C THR A 287 -19.25 11.85 6.48
N LEU A 288 -18.44 11.99 5.43
CA LEU A 288 -17.66 10.86 4.95
C LEU A 288 -16.67 10.38 6.00
N ARG A 289 -16.00 11.32 6.68
CA ARG A 289 -15.12 10.95 7.78
C ARG A 289 -15.83 10.07 8.80
N LYS A 290 -17.02 10.51 9.23
CA LYS A 290 -17.73 9.78 10.27
C LYS A 290 -18.19 8.41 9.78
N LEU A 291 -18.57 8.29 8.51
CA LEU A 291 -19.03 7.01 8.00
C LEU A 291 -17.88 6.03 7.83
N ILE A 292 -16.72 6.52 7.38
CA ILE A 292 -15.56 5.64 7.25
C ILE A 292 -15.06 5.21 8.62
N ASP A 293 -14.97 6.16 9.56
CA ASP A 293 -14.62 5.81 10.93
C ASP A 293 -15.49 4.67 11.44
N ALA A 294 -16.80 4.75 11.18
CA ALA A 294 -17.74 3.77 11.70
C ALA A 294 -17.72 2.44 10.96
N SER A 295 -17.14 2.39 9.76
CA SER A 295 -17.11 1.17 8.95
C SER A 295 -15.71 0.57 8.85
N LEU A 296 -14.71 1.19 9.46
CA LEU A 296 -13.36 0.66 9.43
C LEU A 296 -13.34 -0.75 10.01
N TYR A 297 -12.66 -1.67 9.33
CA TYR A 297 -12.50 -3.02 9.84
C TYR A 297 -11.04 -3.41 9.81
N GLU A 298 -10.74 -4.52 10.48
CA GLU A 298 -9.37 -4.95 10.71
C GLU A 298 -9.02 -6.17 9.87
N LEU A 299 -7.82 -6.13 9.31
CA LEU A 299 -7.21 -7.25 8.61
C LEU A 299 -5.84 -7.47 9.25
N VAL A 300 -5.65 -8.62 9.89
CA VAL A 300 -4.38 -8.95 10.53
C VAL A 300 -3.53 -9.72 9.53
N LEU A 301 -2.39 -9.15 9.18
CA LEU A 301 -1.42 -9.82 8.31
C LEU A 301 -0.42 -10.52 9.22
N ASP A 302 -0.62 -11.83 9.42
N ASP A 302 -0.62 -11.83 9.43
CA ASP A 302 0.35 -12.63 10.16
CA ASP A 302 0.34 -12.62 10.17
C ASP A 302 1.61 -12.81 9.33
C ASP A 302 1.60 -12.83 9.32
N GLN A 303 2.65 -13.32 9.98
CA GLN A 303 3.92 -13.57 9.31
C GLN A 303 3.70 -14.38 8.04
N GLY A 304 4.21 -13.86 6.93
CA GLY A 304 4.11 -14.52 5.65
C GLY A 304 2.90 -14.15 4.84
N ASP A 305 1.94 -13.43 5.42
CA ASP A 305 0.75 -13.02 4.70
C ASP A 305 1.07 -11.88 3.75
N VAL A 306 0.46 -11.90 2.57
CA VAL A 306 0.60 -10.85 1.58
C VAL A 306 -0.78 -10.27 1.32
N ALA A 307 -0.84 -8.94 1.26
CA ALA A 307 -2.08 -8.25 0.94
C ALA A 307 -1.82 -7.24 -0.16
N PHE A 308 -2.67 -7.26 -1.17
CA PHE A 308 -2.69 -6.24 -2.20
C PHE A 308 -3.98 -5.45 -2.03
N ILE A 309 -3.85 -4.24 -1.51
CA ILE A 309 -4.99 -3.39 -1.19
C ILE A 309 -5.36 -2.62 -2.44
N ASP A 310 -6.64 -2.67 -2.82
CA ASP A 310 -7.11 -1.92 -3.97
C ASP A 310 -7.17 -0.45 -3.56
N ASN A 311 -6.18 0.33 -4.00
CA ASN A 311 -6.07 1.72 -3.60
C ASN A 311 -7.13 2.62 -4.24
N ARG A 312 -8.05 2.06 -5.02
CA ARG A 312 -9.16 2.85 -5.57
C ARG A 312 -10.48 2.56 -4.88
N ARG A 313 -10.64 1.37 -4.31
CA ARG A 313 -11.88 0.99 -3.66
C ARG A 313 -11.84 1.20 -2.16
N ALA A 314 -10.66 1.20 -1.55
CA ALA A 314 -10.57 1.18 -0.10
C ALA A 314 -9.48 2.12 0.39
N VAL A 315 -9.73 2.71 1.54
CA VAL A 315 -8.70 3.38 2.31
C VAL A 315 -8.15 2.37 3.30
N HIS A 316 -6.94 2.60 3.78
CA HIS A 316 -6.32 1.69 4.73
C HIS A 316 -5.54 2.48 5.76
N GLY A 317 -5.34 1.84 6.91
CA GLY A 317 -4.59 2.43 7.99
C GLY A 317 -3.92 1.34 8.83
N ARG A 318 -3.49 1.69 10.03
CA ARG A 318 -2.89 0.72 10.92
C ARG A 318 -3.24 1.09 12.36
N ARG A 319 -3.65 0.09 13.13
CA ARG A 319 -3.99 0.32 14.52
C ARG A 319 -2.77 0.77 15.31
N ALA A 320 -3.01 1.54 16.37
CA ALA A 320 -1.93 1.89 17.27
C ALA A 320 -1.39 0.63 17.92
N PHE A 321 -0.08 0.63 18.20
CA PHE A 321 0.51 -0.47 18.94
C PHE A 321 1.74 0.02 19.67
N GLN A 322 2.12 -0.75 20.70
CA GLN A 322 3.28 -0.43 21.51
C GLN A 322 4.51 -1.08 20.87
N PRO A 323 5.46 -0.31 20.34
CA PRO A 323 6.64 -0.93 19.75
C PRO A 323 7.53 -1.56 20.81
N ARG A 324 8.28 -2.57 20.39
CA ARG A 324 9.16 -3.34 21.29
C ARG A 324 10.58 -2.82 21.28
N TYR A 325 11.14 -2.57 20.09
CA TYR A 325 12.53 -2.13 19.92
C TYR A 325 13.50 -3.16 20.47
N ASP A 326 13.10 -4.42 20.49
CA ASP A 326 13.94 -5.52 20.98
C ASP A 326 14.42 -6.43 19.86
N GLY A 327 14.20 -6.06 18.60
CA GLY A 327 14.60 -6.87 17.47
C GLY A 327 13.52 -7.74 16.86
N ARG A 328 12.31 -7.74 17.43
CA ARG A 328 11.22 -8.56 16.91
C ARG A 328 9.97 -7.71 16.63
N ASP A 329 10.18 -6.43 16.33
CA ASP A 329 9.05 -5.56 15.99
C ASP A 329 8.42 -5.98 14.68
N ARG A 330 7.13 -5.66 14.56
CA ARG A 330 6.40 -5.75 13.30
C ARG A 330 7.22 -5.19 12.15
N TRP A 331 7.18 -5.88 11.01
CA TRP A 331 8.03 -5.52 9.87
C TRP A 331 7.34 -5.96 8.60
N LEU A 332 7.06 -5.01 7.70
CA LEU A 332 6.49 -5.31 6.40
C LEU A 332 7.41 -4.79 5.31
N LYS A 333 7.45 -5.52 4.20
CA LYS A 333 7.88 -4.97 2.93
C LYS A 333 6.64 -4.48 2.19
N ARG A 334 6.80 -3.39 1.45
CA ARG A 334 5.65 -2.86 0.72
C ARG A 334 6.10 -2.36 -0.65
N ILE A 335 5.14 -2.32 -1.56
CA ILE A 335 5.41 -2.02 -2.96
C ILE A 335 4.19 -1.33 -3.56
N ASN A 336 4.44 -0.36 -4.44
CA ASN A 336 3.39 0.31 -5.17
C ASN A 336 3.26 -0.31 -6.55
N ILE A 337 2.01 -0.44 -7.01
CA ILE A 337 1.69 -1.11 -8.27
C ILE A 337 0.68 -0.25 -9.02
N THR A 338 0.96 0.01 -10.29
CA THR A 338 0.01 0.64 -11.20
C THR A 338 -0.29 -0.31 -12.34
N ARG A 339 -1.50 -0.21 -12.88
CA ARG A 339 -1.87 -1.01 -14.05
C ARG A 339 -1.20 -0.50 -15.32
N ASP A 340 -0.70 0.74 -15.32
CA ASP A 340 -0.16 1.32 -16.53
C ASP A 340 0.86 2.38 -16.14
N LEU A 341 2.14 2.02 -16.24
CA LEU A 341 3.22 2.94 -15.92
C LEU A 341 3.22 4.16 -16.83
N HIS A 342 2.69 4.03 -18.05
CA HIS A 342 2.71 5.15 -18.99
C HIS A 342 1.71 6.23 -18.62
N ARG A 343 0.74 5.93 -17.76
CA ARG A 343 -0.14 6.98 -17.25
C ARG A 343 0.63 8.04 -16.45
N SER A 344 1.82 7.70 -15.95
CA SER A 344 2.60 8.61 -15.11
C SER A 344 3.82 9.17 -15.83
N ARG A 345 3.82 9.12 -17.17
CA ARG A 345 4.98 9.56 -17.95
C ARG A 345 5.46 10.94 -17.52
N LYS A 346 4.53 11.86 -17.28
CA LYS A 346 4.91 13.22 -16.90
C LYS A 346 5.75 13.23 -15.63
N ALA A 347 5.59 12.23 -14.77
CA ALA A 347 6.24 12.19 -13.47
C ALA A 347 7.43 11.24 -13.42
N TRP A 348 7.79 10.61 -14.53
CA TRP A 348 9.00 9.79 -14.54
C TRP A 348 10.20 10.65 -14.20
N ALA A 349 10.91 10.28 -13.13
CA ALA A 349 12.10 11.01 -12.71
C ALA A 349 13.31 10.56 -13.52
N GLY A 350 14.19 9.77 -12.90
CA GLY A 350 15.32 9.22 -13.63
C GLY A 350 14.88 8.24 -14.70
N ASP A 351 14.35 7.11 -14.27
CA ASP A 351 13.76 6.12 -15.16
C ASP A 351 12.24 6.09 -14.94
N SER A 352 11.58 5.14 -15.59
CA SER A 352 10.14 5.03 -15.49
C SER A 352 9.66 4.45 -14.17
N ARG A 353 10.57 3.91 -13.35
CA ARG A 353 10.18 3.20 -12.14
C ARG A 353 10.28 4.06 -10.89
N VAL A 354 10.71 5.32 -11.00
CA VAL A 354 10.73 6.25 -9.88
C VAL A 354 10.02 7.53 -10.32
N LEU A 355 8.94 7.88 -9.62
CA LEU A 355 8.16 9.06 -9.95
C LEU A 355 8.59 10.25 -9.10
N GLY A 356 8.46 11.44 -9.68
CA GLY A 356 8.76 12.68 -8.99
C GLY A 356 7.54 13.54 -8.79
N ARG B . 1.33 5.57 3.85
CA ARG B . 2.03 6.68 4.56
C ARG B . 3.48 6.32 4.87
O ARG B . 4.06 5.41 4.25
CB ARG B . 1.31 7.02 5.86
CG ARG B . -0.09 7.56 5.67
CD ARG B . -0.11 9.07 5.54
NE ARG B . -1.46 9.60 5.68
CZ ARG B . -2.10 9.72 6.85
NH1 ARG B . -1.51 9.36 7.98
NH2 ARG B . -3.32 10.22 6.88
OXT ARG B . 4.12 6.93 5.72
H1 ARG B . 0.94 5.89 3.12
H2 ARG B . 1.91 4.94 3.63
H3 ARG B . 0.70 5.23 4.39
HA ARG B . 2.03 7.47 4.00
HB2 ARG B . 1.24 6.23 6.41
HB3 ARG B . 1.82 7.71 6.33
HG2 ARG B . -0.47 7.19 4.85
HG3 ARG B . -0.64 7.32 6.42
HD2 ARG B . 0.44 9.45 6.25
HD3 ARG B . 0.23 9.33 4.67
HE ARG B . -1.87 9.87 4.98
HH11 ARG B . -0.70 9.04 7.97
HH12 ARG B . -1.92 9.45 8.73
HH21 ARG B . -3.72 10.45 6.16
HH22 ARG B . -3.73 10.30 7.63
C1 AKG C . 1.40 1.90 4.15
O1 AKG C . 2.61 2.09 4.27
O2 AKG C . 0.81 1.77 2.99
C2 AKG C . 0.49 1.84 5.35
O5 AKG C . -0.55 2.48 5.42
C3 AKG C . 0.93 0.95 6.47
C4 AKG C . 0.08 -0.30 6.61
C5 AKG C . 0.35 -1.03 7.89
O3 AKG C . -0.06 -2.14 8.14
O4 AKG C . 1.10 -0.33 8.71
HO2 AKG C . 1.46 1.82 2.24
H31 AKG C . 1.99 0.68 6.32
H32 AKG C . 0.92 1.53 7.38
H41 AKG C . -0.98 -0.01 6.59
H42 AKG C . 0.19 -0.95 5.75
HO4 AKG C . 1.28 -0.81 9.55
FE FE D . -0.69 3.48 3.48
#